data_5LGB
#
_entry.id   5LGB
#
_cell.length_a   121.080
_cell.length_b   121.080
_cell.length_c   55.030
_cell.angle_alpha   90.00
_cell.angle_beta   90.00
_cell.angle_gamma   120.00
#
_symmetry.space_group_name_H-M   'P 61'
#
loop_
_entity.id
_entity.type
_entity.pdbx_description
1 polymer 'Peroxisomal N(1)-acetyl-spermine/spermidine oxidase,Peroxisomal N(1)-acetyl-spermine/spermidine oxidase'
2 non-polymer 'FAD-MDL72527 adduct'
3 non-polymer "N,N'-BIS(2,3-BUTADIENYL)-1,4-BUTANE-DIAMINE"
4 water water
#
_entity_poly.entity_id   1
_entity_poly.type   'polypeptide(L)'
_entity_poly.pdbx_seq_one_letter_code
;GGPGPRVLVVGSGIAGLGAAQKLCSHRAAPHLRVLEATASAGGRIRSERCFGGVVELGAHWIHGPSQDNPVFQLAAEFGL
LGEKELSEENQLVDTGGHVALPSMIWSSSGTSVSLELMTEMARLFYGLIERTREFLNESETPMASVGEFLKKEISQQVAS
WTEDDEDTRKRKLAILNTFFNIECCVSGTHSMDLVALAPFGEYTVLPGLDCILAGGYQGLTDRILASLPKDTVAFDKPVK
TIHWNGSFQEAAFPGETFPVLVECEDGARLPAHHVIVTVPLGFLKEHQDTFFEPPLPAKKAEAIKKLGFGTNNKIFLEFE
EPFWEPDCQFIQVVWEDTSPLQDTALSLQDTWFKKLIGFLVQPSFESSHVLCGFIAGLESEFMETLSDEEVLLSLTQVLR
RVTGNPQLPAAKSVRRSQWHSAPYTRGSYSYVAVGSTGDDLDLMAQPLPGLQVLFAGEATHRTFYSTTHGALLSGWREAD
RLVSLWDSQVEQSRPRL
;
_entity_poly.pdbx_strand_id   A
#
# COMPACT_ATOMS: atom_id res chain seq x y z
N GLY A 4 14.65 -27.15 14.62
CA GLY A 4 15.54 -25.99 14.57
C GLY A 4 15.07 -24.84 15.43
N PRO A 5 15.61 -23.62 15.20
CA PRO A 5 15.18 -22.46 16.02
C PRO A 5 13.70 -22.13 15.91
N ARG A 6 13.18 -21.48 16.93
CA ARG A 6 11.78 -21.06 16.98
C ARG A 6 11.63 -19.71 16.31
N VAL A 7 10.79 -19.66 15.27
CA VAL A 7 10.56 -18.43 14.53
C VAL A 7 9.09 -18.10 14.53
N LEU A 8 8.73 -16.85 14.85
CA LEU A 8 7.32 -16.46 14.74
C LEU A 8 7.25 -15.35 13.71
N VAL A 9 6.30 -15.43 12.81
CA VAL A 9 6.14 -14.37 11.80
C VAL A 9 4.85 -13.70 12.17
N VAL A 10 4.87 -12.38 12.30
CA VAL A 10 3.69 -11.62 12.68
C VAL A 10 3.09 -11.01 11.42
N GLY A 11 1.94 -11.55 11.02
CA GLY A 11 1.26 -11.07 9.82
C GLY A 11 1.32 -12.03 8.68
N SER A 12 0.18 -12.20 7.99
CA SER A 12 0.08 -13.15 6.89
C SER A 12 -0.23 -12.51 5.54
N GLY A 13 0.38 -11.37 5.27
CA GLY A 13 0.33 -10.76 3.94
C GLY A 13 1.44 -11.41 3.14
N ILE A 14 1.68 -10.89 1.95
CA ILE A 14 2.69 -11.50 1.07
C ILE A 14 4.12 -11.45 1.67
N ALA A 15 4.45 -10.43 2.46
CA ALA A 15 5.81 -10.40 3.08
C ALA A 15 5.96 -11.55 4.07
N GLY A 16 4.97 -11.74 4.94
CA GLY A 16 5.09 -12.79 5.97
C GLY A 16 5.03 -14.18 5.37
N LEU A 17 4.17 -14.35 4.36
CA LEU A 17 4.05 -15.66 3.70
C LEU A 17 5.30 -15.95 2.91
N GLY A 18 5.86 -14.93 2.25
CA GLY A 18 7.10 -15.10 1.48
C GLY A 18 8.25 -15.51 2.39
N ALA A 19 8.36 -14.84 3.56
CA ALA A 19 9.41 -15.20 4.54
C ALA A 19 9.21 -16.64 5.04
N ALA A 20 7.96 -17.02 5.42
CA ALA A 20 7.67 -18.36 5.91
C ALA A 20 8.01 -19.42 4.88
N GLN A 21 7.66 -19.16 3.61
CA GLN A 21 7.87 -20.10 2.49
C GLN A 21 9.33 -20.39 2.33
N LYS A 22 10.16 -19.36 2.32
CA LYS A 22 11.60 -19.57 2.20
C LYS A 22 12.18 -20.31 3.38
N LEU A 23 11.76 -19.96 4.59
CA LEU A 23 12.25 -20.61 5.82
C LEU A 23 11.81 -22.07 5.97
N CYS A 24 10.56 -22.37 5.61
CA CYS A 24 9.99 -23.72 5.68
C CYS A 24 10.51 -24.63 4.57
N SER A 25 11.10 -24.04 3.51
CA SER A 25 11.71 -24.77 2.42
C SER A 25 13.17 -25.03 2.78
N ALA A 28 17.09 -28.42 7.67
CA ALA A 28 17.30 -27.96 9.05
C ALA A 28 16.13 -27.06 9.50
N ALA A 29 14.93 -27.33 8.96
CA ALA A 29 13.68 -26.62 9.16
C ALA A 29 13.43 -26.08 10.57
N PRO A 30 13.17 -24.76 10.67
CA PRO A 30 12.85 -24.18 11.99
C PRO A 30 11.43 -24.59 12.40
N HIS A 31 11.11 -24.38 13.67
CA HIS A 31 9.78 -24.55 14.22
C HIS A 31 9.17 -23.19 13.90
N LEU A 32 8.32 -23.12 12.86
CA LEU A 32 7.79 -21.82 12.43
C LEU A 32 6.27 -21.72 12.54
N ARG A 33 5.77 -20.58 13.07
CA ARG A 33 4.32 -20.29 13.12
C ARG A 33 4.12 -18.87 12.57
N VAL A 34 3.01 -18.68 11.84
CA VAL A 34 2.65 -17.35 11.35
C VAL A 34 1.42 -16.96 12.16
N LEU A 35 1.46 -15.79 12.77
CA LEU A 35 0.34 -15.29 13.58
C LEU A 35 -0.37 -14.21 12.83
N GLU A 36 -1.60 -14.48 12.43
CA GLU A 36 -2.39 -13.49 11.67
C GLU A 36 -3.50 -12.87 12.54
N ALA A 37 -3.62 -11.51 12.55
CA ALA A 37 -4.66 -10.86 13.36
C ALA A 37 -6.06 -11.14 12.87
N THR A 38 -6.26 -11.18 11.54
CA THR A 38 -7.60 -11.35 10.99
C THR A 38 -7.96 -12.83 10.71
N ALA A 39 -9.15 -13.05 10.12
CA ALA A 39 -9.61 -14.42 9.87
C ALA A 39 -9.07 -15.05 8.57
N SER A 40 -8.32 -14.31 7.73
CA SER A 40 -7.77 -14.94 6.52
C SER A 40 -6.44 -14.27 6.15
N ALA A 41 -5.71 -14.90 5.26
CA ALA A 41 -4.39 -14.38 4.86
C ALA A 41 -4.51 -13.45 3.67
N GLY A 42 -3.43 -12.75 3.35
CA GLY A 42 -3.36 -11.90 2.17
C GLY A 42 -3.13 -10.44 2.50
N GLY A 43 -3.70 -10.00 3.62
CA GLY A 43 -3.56 -8.62 4.11
C GLY A 43 -4.10 -7.62 3.12
N ARG A 44 -3.22 -6.80 2.53
CA ARG A 44 -3.65 -5.79 1.55
C ARG A 44 -3.86 -6.36 0.14
N ILE A 45 -3.75 -7.69 0.01
CA ILE A 45 -4.22 -8.42 -1.16
C ILE A 45 -5.52 -9.04 -0.63
N ARG A 46 -6.67 -8.53 -1.10
CA ARG A 46 -7.97 -8.97 -0.58
C ARG A 46 -8.98 -9.05 -1.70
N SER A 47 -9.39 -10.28 -2.05
CA SER A 47 -10.31 -10.52 -3.17
C SER A 47 -11.63 -11.01 -2.56
N GLU A 48 -12.77 -10.45 -3.01
CA GLU A 48 -14.08 -10.85 -2.45
C GLU A 48 -15.02 -11.26 -3.57
N ARG A 49 -15.88 -12.26 -3.31
CA ARG A 49 -16.85 -12.67 -4.30
C ARG A 49 -18.01 -11.68 -4.15
N CYS A 50 -18.30 -10.97 -5.24
CA CYS A 50 -19.30 -9.91 -5.24
C CYS A 50 -19.92 -9.80 -6.61
N PHE A 51 -21.22 -9.50 -6.66
CA PHE A 51 -21.95 -9.29 -7.93
C PHE A 51 -21.81 -10.43 -8.94
N GLY A 52 -21.66 -11.66 -8.45
CA GLY A 52 -21.48 -12.84 -9.30
C GLY A 52 -20.14 -12.88 -10.01
N GLY A 53 -19.11 -12.41 -9.32
CA GLY A 53 -17.74 -12.36 -9.79
C GLY A 53 -16.81 -12.12 -8.62
N VAL A 54 -15.59 -11.63 -8.89
CA VAL A 54 -14.63 -11.32 -7.83
C VAL A 54 -14.13 -9.84 -7.97
N VAL A 55 -14.13 -9.10 -6.86
CA VAL A 55 -13.68 -7.70 -6.82
C VAL A 55 -12.41 -7.60 -5.97
N GLU A 56 -11.47 -6.74 -6.39
CA GLU A 56 -10.23 -6.58 -5.61
C GLU A 56 -10.39 -5.41 -4.69
N LEU A 57 -10.44 -5.65 -3.40
CA LEU A 57 -10.52 -4.55 -2.43
C LEU A 57 -9.15 -3.92 -2.12
N GLY A 58 -8.06 -4.69 -2.31
CA GLY A 58 -6.71 -4.16 -2.13
C GLY A 58 -5.97 -4.05 -3.44
N ALA A 59 -4.76 -4.65 -3.49
CA ALA A 59 -3.92 -4.66 -4.70
C ALA A 59 -4.64 -5.27 -5.89
N HIS A 60 -4.51 -4.62 -7.07
CA HIS A 60 -5.25 -4.97 -8.29
C HIS A 60 -4.27 -5.35 -9.43
N TRP A 61 -3.17 -4.63 -9.54
CA TRP A 61 -2.26 -4.83 -10.64
C TRP A 61 -0.95 -5.48 -10.28
N ILE A 62 -0.34 -6.11 -11.27
CA ILE A 62 1.03 -6.58 -11.18
C ILE A 62 1.78 -5.49 -11.95
N HIS A 63 2.54 -4.63 -11.24
CA HIS A 63 3.31 -3.52 -11.81
C HIS A 63 4.55 -4.02 -12.48
N GLY A 64 4.66 -3.75 -13.78
CA GLY A 64 5.78 -4.25 -14.57
C GLY A 64 5.72 -5.75 -14.68
N PRO A 65 4.72 -6.30 -15.41
CA PRO A 65 4.60 -7.77 -15.51
C PRO A 65 5.67 -8.37 -16.42
N SER A 66 6.88 -8.52 -15.86
CA SER A 66 8.05 -9.00 -16.58
C SER A 66 8.84 -10.08 -15.81
N GLN A 67 9.89 -10.62 -16.45
CA GLN A 67 10.77 -11.69 -15.96
C GLN A 67 11.42 -11.40 -14.61
N ASP A 68 11.77 -10.13 -14.35
CA ASP A 68 12.41 -9.75 -13.10
C ASP A 68 11.41 -9.57 -11.96
N ASN A 69 10.09 -9.53 -12.24
CA ASN A 69 9.09 -9.31 -11.18
C ASN A 69 8.73 -10.68 -10.57
N PRO A 70 9.09 -10.95 -9.30
CA PRO A 70 8.82 -12.26 -8.71
C PRO A 70 7.34 -12.55 -8.57
N VAL A 71 6.52 -11.50 -8.41
CA VAL A 71 5.05 -11.66 -8.33
C VAL A 71 4.50 -12.14 -9.67
N PHE A 72 5.00 -11.57 -10.77
CA PHE A 72 4.59 -12.04 -12.11
C PHE A 72 5.04 -13.52 -12.27
N GLN A 73 6.30 -13.82 -11.89
CA GLN A 73 6.84 -15.18 -11.99
C GLN A 73 6.01 -16.19 -11.23
N LEU A 74 5.63 -15.88 -9.97
CA LEU A 74 4.76 -16.76 -9.20
C LEU A 74 3.36 -16.88 -9.79
N ALA A 75 2.75 -15.77 -10.26
CA ALA A 75 1.42 -15.84 -10.87
C ALA A 75 1.46 -16.80 -12.12
N ALA A 76 2.52 -16.72 -12.91
CA ALA A 76 2.70 -17.62 -14.08
C ALA A 76 2.85 -19.09 -13.61
N GLU A 77 3.71 -19.37 -12.63
CA GLU A 77 3.95 -20.73 -12.05
C GLU A 77 2.65 -21.33 -11.46
N PHE A 78 1.82 -20.47 -10.90
CA PHE A 78 0.59 -20.91 -10.26
C PHE A 78 -0.62 -21.04 -11.19
N GLY A 79 -0.46 -20.66 -12.45
CA GLY A 79 -1.56 -20.71 -13.42
C GLY A 79 -2.61 -19.63 -13.20
N LEU A 80 -2.20 -18.45 -12.68
CA LEU A 80 -3.19 -17.39 -12.35
C LEU A 80 -3.35 -16.34 -13.45
N LEU A 81 -2.54 -16.42 -14.50
CA LEU A 81 -2.56 -15.42 -15.58
C LEU A 81 -3.33 -15.92 -16.81
N GLY A 82 -3.80 -14.98 -17.64
CA GLY A 82 -4.45 -15.28 -18.92
C GLY A 82 -3.46 -15.02 -20.05
N GLU A 83 -3.77 -15.45 -21.30
CA GLU A 83 -2.88 -15.30 -22.46
C GLU A 83 -2.36 -13.86 -22.67
N LYS A 84 -3.27 -12.86 -22.60
CA LYS A 84 -2.98 -11.43 -22.76
C LYS A 84 -1.91 -10.94 -21.78
N ILE A 105 -13.64 10.73 -21.42
CA ILE A 105 -13.49 11.76 -20.40
C ILE A 105 -14.75 12.60 -20.23
N TRP A 106 -15.33 12.55 -19.03
CA TRP A 106 -16.51 13.30 -18.71
C TRP A 106 -16.20 14.50 -17.84
N SER A 107 -16.80 15.64 -18.16
CA SER A 107 -16.65 16.87 -17.41
C SER A 107 -17.90 17.01 -16.52
N SER A 108 -17.73 17.61 -15.31
CA SER A 108 -18.84 17.84 -14.38
C SER A 108 -19.89 18.80 -15.00
N SER A 109 -19.56 19.44 -16.13
CA SER A 109 -20.48 20.33 -16.87
C SER A 109 -21.52 19.50 -17.67
N GLY A 110 -21.28 18.19 -17.76
CA GLY A 110 -22.12 17.24 -18.48
C GLY A 110 -21.74 17.10 -19.94
N THR A 111 -20.65 17.77 -20.36
CA THR A 111 -20.15 17.75 -21.73
C THR A 111 -18.78 17.07 -21.82
N SER A 112 -18.40 16.66 -23.03
CA SER A 112 -17.14 15.95 -23.30
C SER A 112 -15.93 16.89 -23.24
N VAL A 113 -14.76 16.35 -22.86
CA VAL A 113 -13.49 17.09 -22.87
C VAL A 113 -12.77 16.56 -24.10
N SER A 114 -12.10 17.44 -24.87
CA SER A 114 -11.38 16.98 -26.05
C SER A 114 -10.13 16.14 -25.72
N LEU A 115 -9.92 15.05 -26.45
CA LEU A 115 -8.77 14.15 -26.26
C LEU A 115 -7.47 14.89 -26.53
N GLU A 116 -7.48 15.81 -27.51
CA GLU A 116 -6.29 16.57 -27.83
C GLU A 116 -5.88 17.43 -26.65
N LEU A 117 -6.84 18.16 -26.05
CA LEU A 117 -6.51 19.00 -24.89
C LEU A 117 -6.04 18.16 -23.70
N MET A 118 -6.70 17.03 -23.44
CA MET A 118 -6.30 16.08 -22.39
C MET A 118 -4.84 15.63 -22.65
N THR A 119 -4.51 15.29 -23.91
CA THR A 119 -3.14 14.88 -24.29
C THR A 119 -2.11 15.97 -24.02
N GLU A 120 -2.41 17.19 -24.44
CA GLU A 120 -1.54 18.34 -24.24
C GLU A 120 -1.26 18.55 -22.74
N MET A 121 -2.32 18.46 -21.90
CA MET A 121 -2.12 18.65 -20.45
C MET A 121 -1.37 17.48 -19.83
N ALA A 122 -1.58 16.26 -20.33
CA ALA A 122 -0.84 15.07 -19.84
C ALA A 122 0.65 15.24 -20.16
N ARG A 123 0.99 15.70 -21.38
CA ARG A 123 2.40 15.94 -21.77
C ARG A 123 3.08 16.89 -20.78
N LEU A 124 2.40 18.02 -20.48
CA LEU A 124 2.92 19.05 -19.58
C LEU A 124 3.14 18.44 -18.19
N PHE A 125 2.08 17.91 -17.60
CA PHE A 125 2.12 17.29 -16.28
C PHE A 125 3.18 16.17 -16.14
N TYR A 126 3.11 15.13 -16.98
CA TYR A 126 4.02 13.97 -16.87
C TYR A 126 5.45 14.33 -17.25
N GLY A 127 5.63 15.37 -18.07
CA GLY A 127 6.95 15.93 -18.35
C GLY A 127 7.55 16.49 -17.07
N LEU A 128 6.72 17.22 -16.27
CA LEU A 128 7.16 17.78 -15.00
C LEU A 128 7.45 16.65 -13.99
N ILE A 129 6.62 15.60 -13.97
CA ILE A 129 6.86 14.44 -13.06
C ILE A 129 8.24 13.84 -13.35
N GLU A 130 8.59 13.75 -14.64
CA GLU A 130 9.92 13.21 -15.03
C GLU A 130 11.08 14.10 -14.52
N ARG A 131 10.88 15.42 -14.50
CA ARG A 131 11.87 16.39 -14.03
C ARG A 131 12.14 16.28 -12.53
N THR A 132 11.27 15.60 -11.73
CA THR A 132 11.56 15.47 -10.29
C THR A 132 12.89 14.70 -10.06
N ARG A 133 13.41 14.03 -11.11
CA ARG A 133 14.68 13.30 -11.07
C ARG A 133 15.86 14.26 -10.80
N GLU A 134 15.70 15.56 -11.18
CA GLU A 134 16.72 16.62 -10.99
C GLU A 134 17.10 16.75 -9.51
N PHE A 135 16.18 16.35 -8.61
CA PHE A 135 16.41 16.53 -7.17
C PHE A 135 17.02 15.34 -6.45
N LEU A 136 17.27 14.25 -7.18
CA LEU A 136 17.80 13.01 -6.60
C LEU A 136 19.14 13.26 -5.89
N ASN A 137 19.27 12.74 -4.65
CA ASN A 137 20.46 12.85 -3.77
C ASN A 137 20.72 14.28 -3.25
N GLU A 138 19.72 15.16 -3.26
CA GLU A 138 19.92 16.52 -2.75
C GLU A 138 19.57 16.65 -1.27
N SER A 139 20.53 17.15 -0.48
CA SER A 139 20.42 17.34 0.97
C SER A 139 19.50 18.50 1.35
N GLU A 140 19.46 19.56 0.52
CA GLU A 140 18.67 20.76 0.79
C GLU A 140 17.95 21.22 -0.47
N THR A 141 16.78 20.62 -0.77
CA THR A 141 16.04 21.01 -1.97
C THR A 141 15.40 22.37 -1.75
N PRO A 142 15.30 23.22 -2.81
CA PRO A 142 14.68 24.54 -2.67
C PRO A 142 13.25 24.46 -2.13
N MET A 143 12.46 23.49 -2.62
CA MET A 143 11.09 23.25 -2.13
C MET A 143 11.09 21.84 -1.55
N ALA A 144 10.32 21.66 -0.50
CA ALA A 144 10.33 20.39 0.23
C ALA A 144 9.61 19.27 -0.50
N SER A 145 8.61 19.63 -1.32
CA SER A 145 7.76 18.62 -1.92
C SER A 145 7.63 18.57 -3.43
N VAL A 146 7.14 17.41 -3.89
CA VAL A 146 6.80 17.21 -5.29
C VAL A 146 5.68 18.22 -5.68
N GLY A 147 4.64 18.37 -4.86
CA GLY A 147 3.52 19.27 -5.19
C GLY A 147 3.96 20.72 -5.35
N GLU A 148 4.87 21.19 -4.49
CA GLU A 148 5.36 22.58 -4.58
C GLU A 148 6.15 22.80 -5.90
N PHE A 149 6.98 21.83 -6.28
CA PHE A 149 7.74 21.91 -7.52
C PHE A 149 6.76 21.94 -8.71
N LEU A 150 5.76 21.04 -8.71
CA LEU A 150 4.75 20.98 -9.79
C LEU A 150 3.95 22.29 -9.91
N LYS A 151 3.55 22.87 -8.79
CA LYS A 151 2.75 24.12 -8.74
C LYS A 151 3.55 25.30 -9.28
N LYS A 152 4.80 25.43 -8.81
CA LYS A 152 5.68 26.49 -9.29
C LYS A 152 5.87 26.39 -10.82
N GLU A 153 6.21 25.19 -11.34
CA GLU A 153 6.43 25.02 -12.78
C GLU A 153 5.16 25.26 -13.62
N ILE A 154 3.99 24.82 -13.11
CA ILE A 154 2.72 25.06 -13.78
C ILE A 154 2.37 26.58 -13.78
N SER A 155 2.62 27.28 -12.67
CA SER A 155 2.38 28.73 -12.55
C SER A 155 3.20 29.50 -13.58
N GLN A 156 4.45 29.09 -13.80
CA GLN A 156 5.35 29.69 -14.77
C GLN A 156 4.86 29.42 -16.21
N GLN A 157 4.31 28.22 -16.46
CA GLN A 157 3.77 27.80 -17.76
C GLN A 157 2.50 28.61 -18.10
N VAL A 158 1.58 28.80 -17.13
CA VAL A 158 0.31 29.56 -17.27
C VAL A 158 0.63 31.01 -17.71
N ALA A 159 1.72 31.60 -17.18
CA ALA A 159 2.20 32.94 -17.53
C ALA A 159 2.59 33.02 -19.03
N SER A 160 2.76 31.87 -19.71
CA SER A 160 3.06 31.79 -21.16
C SER A 160 1.78 31.67 -22.02
N TRP A 161 0.64 31.28 -21.42
CA TRP A 161 -0.64 31.08 -22.12
C TRP A 161 -1.34 32.39 -22.52
N THR A 162 -1.40 32.67 -23.84
CA THR A 162 -2.03 33.89 -24.40
C THR A 162 -3.46 33.62 -24.87
N ASP A 167 -11.43 31.36 -20.77
CA ASP A 167 -12.22 30.15 -20.58
C ASP A 167 -11.44 28.88 -20.91
N THR A 168 -10.50 28.97 -21.87
CA THR A 168 -9.65 27.85 -22.27
C THR A 168 -8.68 27.58 -21.11
N ARG A 169 -8.23 28.65 -20.43
CA ARG A 169 -7.32 28.58 -19.28
C ARG A 169 -7.97 27.83 -18.12
N LYS A 170 -9.27 28.04 -17.89
CA LYS A 170 -10.03 27.35 -16.86
C LYS A 170 -10.14 25.86 -17.16
N ARG A 171 -10.44 25.48 -18.43
CA ARG A 171 -10.52 24.08 -18.83
C ARG A 171 -9.15 23.39 -18.60
N LYS A 172 -8.04 24.08 -18.95
CA LYS A 172 -6.69 23.51 -18.79
C LYS A 172 -6.38 23.24 -17.33
N LEU A 173 -6.71 24.19 -16.44
CA LEU A 173 -6.43 24.03 -15.02
C LEU A 173 -7.30 22.93 -14.39
N ALA A 174 -8.55 22.76 -14.87
CA ALA A 174 -9.45 21.72 -14.38
C ALA A 174 -8.91 20.33 -14.76
N ILE A 175 -8.39 20.19 -15.96
CA ILE A 175 -7.79 18.91 -16.40
C ILE A 175 -6.52 18.64 -15.55
N LEU A 176 -5.67 19.65 -15.39
CA LEU A 176 -4.46 19.50 -14.56
C LEU A 176 -4.83 19.11 -13.13
N ASN A 177 -5.96 19.60 -12.62
CA ASN A 177 -6.43 19.22 -11.26
C ASN A 177 -6.65 17.71 -11.20
N THR A 178 -7.26 17.09 -12.24
CA THR A 178 -7.47 15.63 -12.22
C THR A 178 -6.12 14.90 -12.22
N PHE A 179 -5.14 15.39 -12.98
CA PHE A 179 -3.81 14.73 -12.97
C PHE A 179 -3.14 14.77 -11.61
N PHE A 180 -3.31 15.88 -10.87
CA PHE A 180 -2.77 15.97 -9.50
C PHE A 180 -3.46 14.92 -8.63
N ASN A 181 -4.79 14.79 -8.77
CA ASN A 181 -5.56 13.80 -8.00
C ASN A 181 -5.16 12.36 -8.34
N ILE A 182 -4.89 12.08 -9.63
CA ILE A 182 -4.42 10.74 -10.04
C ILE A 182 -3.08 10.45 -9.40
N GLU A 183 -2.17 11.44 -9.42
CA GLU A 183 -0.84 11.30 -8.83
C GLU A 183 -0.95 11.03 -7.32
N CYS A 184 -1.93 11.68 -6.63
CA CYS A 184 -2.20 11.40 -5.20
C CYS A 184 -2.57 9.94 -5.00
N CYS A 185 -3.46 9.40 -5.84
CA CYS A 185 -3.85 7.98 -5.75
C CYS A 185 -2.62 7.13 -5.89
N VAL A 186 -1.79 7.38 -6.92
CA VAL A 186 -0.58 6.56 -7.16
C VAL A 186 0.36 6.56 -5.96
N SER A 187 0.58 7.75 -5.37
CA SER A 187 1.44 7.86 -4.19
C SER A 187 0.77 7.40 -2.89
N GLY A 188 -0.54 7.37 -2.88
CA GLY A 188 -1.33 7.04 -1.69
C GLY A 188 -1.23 8.13 -0.65
N THR A 189 -1.31 9.37 -1.12
CA THR A 189 -1.18 10.54 -0.29
C THR A 189 -2.38 11.42 -0.46
N HIS A 190 -2.64 12.26 0.53
CA HIS A 190 -3.71 13.22 0.43
C HIS A 190 -3.34 14.31 -0.60
N SER A 191 -2.05 14.68 -0.70
CA SER A 191 -1.62 15.77 -1.59
C SER A 191 -0.18 15.56 -1.99
N MET A 192 0.18 15.91 -3.22
CA MET A 192 1.57 15.81 -3.68
C MET A 192 2.49 16.78 -2.88
N ASP A 193 1.90 17.74 -2.17
CA ASP A 193 2.68 18.66 -1.31
C ASP A 193 3.20 17.96 -0.06
N LEU A 194 2.71 16.73 0.23
CA LEU A 194 3.21 15.97 1.40
C LEU A 194 4.33 15.01 1.02
N VAL A 195 4.59 14.83 -0.28
CA VAL A 195 5.56 13.86 -0.80
C VAL A 195 6.91 14.52 -0.96
N ALA A 196 7.93 13.97 -0.28
CA ALA A 196 9.30 14.53 -0.32
C ALA A 196 9.86 14.55 -1.76
N LEU A 197 10.45 15.66 -2.15
CA LEU A 197 10.94 15.83 -3.53
C LEU A 197 12.19 15.03 -3.85
N ALA A 198 13.30 15.24 -3.09
CA ALA A 198 14.58 14.55 -3.40
C ALA A 198 14.45 13.00 -3.46
N PRO A 199 13.73 12.37 -2.52
CA PRO A 199 13.61 10.89 -2.61
C PRO A 199 12.69 10.35 -3.69
N PHE A 200 11.83 11.19 -4.29
CA PHE A 200 10.77 10.73 -5.23
C PHE A 200 11.28 9.83 -6.38
N GLY A 201 12.43 10.19 -6.97
CA GLY A 201 13.02 9.43 -8.07
C GLY A 201 13.67 8.11 -7.71
N GLU A 202 13.82 7.78 -6.40
CA GLU A 202 14.45 6.49 -5.99
C GLU A 202 13.53 5.30 -6.28
N TYR A 203 12.21 5.50 -6.27
CA TYR A 203 11.26 4.39 -6.51
C TYR A 203 11.48 3.85 -7.95
N THR A 204 11.56 2.51 -8.11
CA THR A 204 11.82 1.89 -9.41
C THR A 204 10.54 1.43 -10.04
N VAL A 205 10.25 1.96 -11.24
CA VAL A 205 9.09 1.60 -12.06
C VAL A 205 9.58 0.44 -12.96
N LEU A 206 8.93 -0.74 -12.88
CA LEU A 206 9.38 -1.90 -13.66
C LEU A 206 8.85 -1.94 -15.08
N ASP A 210 0.96 -3.23 -17.02
CA ASP A 210 0.05 -3.45 -15.90
C ASP A 210 -1.09 -4.41 -16.23
N CYS A 211 -1.19 -5.51 -15.46
CA CYS A 211 -2.21 -6.55 -15.66
C CYS A 211 -2.81 -7.06 -14.34
N ILE A 212 -4.03 -7.64 -14.44
CA ILE A 212 -4.81 -8.22 -13.33
C ILE A 212 -4.71 -9.76 -13.32
N LEU A 213 -5.24 -10.37 -12.25
CA LEU A 213 -5.38 -11.81 -12.06
C LEU A 213 -6.91 -12.00 -12.03
N ALA A 214 -7.47 -12.48 -13.16
CA ALA A 214 -8.92 -12.67 -13.40
C ALA A 214 -9.71 -13.34 -12.26
N GLY A 215 -9.12 -14.35 -11.61
CA GLY A 215 -9.78 -15.08 -10.52
C GLY A 215 -9.54 -14.55 -9.12
N GLY A 216 -8.72 -13.52 -9.02
CA GLY A 216 -8.40 -12.90 -7.75
C GLY A 216 -6.91 -12.91 -7.44
N TYR A 217 -6.39 -11.75 -7.08
CA TYR A 217 -4.99 -11.58 -6.67
C TYR A 217 -4.75 -12.41 -5.37
N GLN A 218 -5.77 -12.56 -4.50
CA GLN A 218 -5.64 -13.34 -3.26
C GLN A 218 -5.32 -14.81 -3.54
N GLY A 219 -5.58 -15.27 -4.76
CA GLY A 219 -5.19 -16.61 -5.23
C GLY A 219 -3.69 -16.83 -5.10
N LEU A 220 -2.91 -15.76 -5.28
CA LEU A 220 -1.44 -15.81 -5.13
C LEU A 220 -1.02 -16.10 -3.70
N THR A 221 -1.54 -15.33 -2.73
CA THR A 221 -1.18 -15.53 -1.34
C THR A 221 -1.76 -16.87 -0.83
N ASP A 222 -2.95 -17.27 -1.31
CA ASP A 222 -3.55 -18.55 -0.88
C ASP A 222 -2.59 -19.70 -1.31
N ARG A 223 -1.99 -19.58 -2.48
CA ARG A 223 -1.11 -20.64 -3.00
C ARG A 223 0.21 -20.72 -2.23
N ILE A 224 0.78 -19.54 -1.82
CA ILE A 224 2.00 -19.58 -1.01
C ILE A 224 1.66 -20.22 0.35
N LEU A 225 0.53 -19.78 0.96
CA LEU A 225 0.13 -20.33 2.24
C LEU A 225 -0.04 -21.88 2.15
N ALA A 226 -0.65 -22.35 1.06
CA ALA A 226 -0.89 -23.80 0.87
C ALA A 226 0.39 -24.61 0.78
N SER A 227 1.50 -23.98 0.38
CA SER A 227 2.77 -24.67 0.25
C SER A 227 3.47 -24.86 1.59
N LEU A 228 2.98 -24.19 2.64
CA LEU A 228 3.58 -24.29 3.98
C LEU A 228 3.13 -25.57 4.70
N PRO A 229 3.88 -26.04 5.72
CA PRO A 229 3.41 -27.21 6.50
C PRO A 229 2.02 -27.00 7.12
N LYS A 230 1.26 -28.10 7.26
CA LYS A 230 -0.09 -28.05 7.84
C LYS A 230 -0.09 -27.26 9.14
N ASP A 231 -1.07 -26.35 9.28
CA ASP A 231 -1.32 -25.54 10.47
C ASP A 231 -0.18 -24.57 10.86
N THR A 232 0.64 -24.13 9.88
CA THR A 232 1.71 -23.12 10.11
C THR A 232 1.05 -21.77 10.48
N VAL A 233 -0.03 -21.40 9.76
CA VAL A 233 -0.69 -20.09 10.02
C VAL A 233 -1.83 -20.22 11.04
N ALA A 234 -1.81 -19.38 12.08
CA ALA A 234 -2.89 -19.32 13.05
C ALA A 234 -3.69 -18.06 12.74
N PHE A 235 -4.99 -18.20 12.41
CA PHE A 235 -5.82 -17.02 12.13
C PHE A 235 -6.48 -16.53 13.41
N ASP A 236 -6.92 -15.26 13.41
CA ASP A 236 -7.57 -14.63 14.56
C ASP A 236 -6.67 -14.68 15.77
N LYS A 237 -5.35 -14.52 15.54
CA LYS A 237 -4.38 -14.55 16.64
C LYS A 237 -3.55 -13.23 16.67
N PRO A 238 -4.16 -12.06 16.94
CA PRO A 238 -3.39 -10.82 16.93
C PRO A 238 -2.38 -10.77 18.07
N VAL A 239 -1.21 -10.23 17.75
CA VAL A 239 -0.09 -10.05 18.69
C VAL A 239 -0.32 -8.74 19.40
N LYS A 240 -0.13 -8.72 20.74
CA LYS A 240 -0.30 -7.52 21.57
C LYS A 240 1.06 -6.85 21.78
N THR A 241 2.10 -7.64 22.16
CA THR A 241 3.42 -7.07 22.45
C THR A 241 4.49 -8.07 22.16
N ILE A 242 5.63 -7.58 21.72
CA ILE A 242 6.81 -8.40 21.48
C ILE A 242 7.78 -7.99 22.57
N HIS A 243 8.14 -8.93 23.43
CA HIS A 243 9.10 -8.68 24.52
C HIS A 243 10.44 -9.16 24.02
N TRP A 244 11.42 -8.31 23.98
CA TRP A 244 12.72 -8.73 23.48
C TRP A 244 13.84 -8.30 24.44
N ASN A 245 15.10 -8.60 24.08
CA ASN A 245 16.28 -8.27 24.90
C ASN A 245 16.17 -8.96 26.27
N GLY A 246 15.68 -10.19 26.29
CA GLY A 246 15.51 -10.90 27.55
C GLY A 246 16.11 -12.28 27.53
N SER A 247 15.78 -13.03 28.57
CA SER A 247 16.18 -14.42 28.73
C SER A 247 14.93 -15.04 29.34
N PHE A 248 14.02 -15.50 28.48
CA PHE A 248 12.74 -16.00 28.91
C PHE A 248 12.67 -17.49 28.91
N GLN A 249 12.14 -18.06 30.00
CA GLN A 249 12.01 -19.49 30.19
C GLN A 249 10.78 -20.01 29.49
N GLU A 250 10.86 -21.17 28.87
CA GLU A 250 9.65 -21.75 28.30
C GLU A 250 8.91 -22.42 29.47
N ALA A 251 7.60 -22.57 29.34
CA ALA A 251 6.72 -23.16 30.35
C ALA A 251 7.12 -24.57 30.80
N ALA A 252 7.49 -25.45 29.86
CA ALA A 252 7.89 -26.83 30.13
C ALA A 252 9.17 -26.95 30.93
N PHE A 253 9.29 -28.01 31.75
CA PHE A 253 10.50 -28.29 32.52
C PHE A 253 11.58 -28.86 31.57
N PRO A 254 12.88 -28.50 31.70
CA PRO A 254 13.52 -27.66 32.73
C PRO A 254 13.36 -26.15 32.61
N GLY A 255 12.86 -25.65 31.49
CA GLY A 255 12.66 -24.21 31.29
C GLY A 255 13.75 -23.54 30.46
N GLU A 256 13.98 -24.08 29.21
CA GLU A 256 14.94 -23.55 28.20
C GLU A 256 14.67 -22.05 27.95
N THR A 257 15.74 -21.24 27.80
CA THR A 257 15.68 -19.79 27.65
C THR A 257 15.74 -19.30 26.21
N PHE A 258 14.92 -18.30 25.93
CA PHE A 258 14.72 -17.69 24.63
C PHE A 258 14.88 -16.18 24.77
N PRO A 259 15.37 -15.48 23.74
CA PRO A 259 15.51 -14.01 23.85
C PRO A 259 14.23 -13.21 23.71
N VAL A 260 13.20 -13.81 23.07
CA VAL A 260 11.95 -13.11 22.79
C VAL A 260 10.74 -13.89 23.28
N LEU A 261 9.70 -13.15 23.65
CA LEU A 261 8.40 -13.69 24.04
C LEU A 261 7.40 -12.87 23.26
N VAL A 262 6.49 -13.55 22.59
CA VAL A 262 5.42 -12.86 21.90
C VAL A 262 4.16 -13.04 22.75
N GLU A 263 3.52 -11.92 23.09
CA GLU A 263 2.30 -11.92 23.89
C GLU A 263 1.15 -11.67 22.94
N CYS A 264 0.23 -12.62 22.82
CA CYS A 264 -0.94 -12.45 21.96
C CYS A 264 -2.06 -11.76 22.70
N GLU A 265 -3.00 -11.13 21.96
CA GLU A 265 -4.13 -10.42 22.60
C GLU A 265 -4.98 -11.39 23.45
N ASP A 266 -4.98 -12.69 23.10
CA ASP A 266 -5.73 -13.76 23.75
C ASP A 266 -5.01 -14.37 24.97
N GLY A 267 -3.85 -13.81 25.31
CA GLY A 267 -3.05 -14.25 26.44
C GLY A 267 -1.95 -15.26 26.15
N ALA A 268 -1.87 -15.80 24.92
CA ALA A 268 -0.82 -16.79 24.60
C ALA A 268 0.55 -16.15 24.84
N ARG A 269 1.47 -16.91 25.44
CA ARG A 269 2.85 -16.49 25.77
C ARG A 269 3.72 -17.40 24.92
N LEU A 270 4.25 -16.87 23.79
CA LEU A 270 4.98 -17.68 22.84
C LEU A 270 6.46 -17.33 22.79
N PRO A 271 7.33 -18.20 23.34
CA PRO A 271 8.77 -17.91 23.27
C PRO A 271 9.29 -18.12 21.85
N ALA A 272 10.31 -17.35 21.47
CA ALA A 272 10.90 -17.49 20.15
C ALA A 272 12.35 -17.09 20.17
N HIS A 273 13.12 -17.54 19.19
CA HIS A 273 14.49 -17.08 19.01
C HIS A 273 14.47 -15.88 18.10
N HIS A 274 13.47 -15.82 17.19
CA HIS A 274 13.41 -14.72 16.19
C HIS A 274 11.95 -14.43 15.91
N VAL A 275 11.61 -13.17 15.75
CA VAL A 275 10.27 -12.77 15.36
C VAL A 275 10.43 -11.89 14.10
N ILE A 276 9.72 -12.25 13.04
CA ILE A 276 9.74 -11.43 11.82
C ILE A 276 8.43 -10.62 11.85
N VAL A 277 8.53 -9.30 12.03
CA VAL A 277 7.38 -8.40 12.12
C VAL A 277 7.07 -7.86 10.71
N THR A 278 5.84 -8.14 10.19
CA THR A 278 5.45 -7.66 8.86
C THR A 278 4.21 -6.76 8.89
N VAL A 279 3.85 -6.27 10.08
CA VAL A 279 2.65 -5.45 10.28
C VAL A 279 2.73 -4.14 9.51
N PRO A 280 1.59 -3.60 9.03
CA PRO A 280 1.66 -2.39 8.20
C PRO A 280 2.18 -1.18 8.94
N LEU A 281 2.74 -0.24 8.18
CA LEU A 281 3.28 0.97 8.81
C LEU A 281 2.18 1.74 9.58
N GLY A 282 0.91 1.72 9.11
CA GLY A 282 -0.18 2.37 9.85
C GLY A 282 -0.40 1.82 11.25
N PHE A 283 -0.27 0.48 11.38
CA PHE A 283 -0.39 -0.21 12.67
C PHE A 283 0.78 0.22 13.57
N LEU A 284 2.02 0.19 13.02
CA LEU A 284 3.21 0.63 13.80
C LEU A 284 3.10 2.06 14.26
N LYS A 285 2.53 2.95 13.42
CA LYS A 285 2.39 4.36 13.77
C LYS A 285 1.49 4.53 15.00
N GLU A 286 0.42 3.76 15.07
CA GLU A 286 -0.52 3.88 16.18
C GLU A 286 -0.05 3.16 17.45
N HIS A 287 0.63 2.03 17.31
CA HIS A 287 0.90 1.14 18.43
C HIS A 287 2.35 0.85 18.79
N GLN A 288 3.33 1.41 18.08
CA GLN A 288 4.74 1.07 18.38
C GLN A 288 5.14 1.23 19.85
N ASP A 289 4.52 2.20 20.59
CA ASP A 289 4.83 2.42 22.01
C ASP A 289 4.48 1.24 22.93
N THR A 290 3.43 0.48 22.60
CA THR A 290 2.98 -0.69 23.38
C THR A 290 3.37 -2.01 22.75
N PHE A 291 3.60 -2.03 21.44
CA PHE A 291 3.87 -3.27 20.69
C PHE A 291 5.26 -3.85 20.96
N PHE A 292 6.19 -3.01 21.43
CA PHE A 292 7.54 -3.50 21.73
C PHE A 292 7.90 -3.16 23.15
N GLU A 293 8.50 -4.13 23.86
CA GLU A 293 9.02 -3.96 25.23
C GLU A 293 10.38 -4.65 25.30
N PRO A 294 11.52 -3.92 25.43
CA PRO A 294 11.65 -2.47 25.61
C PRO A 294 11.26 -1.69 24.36
N PRO A 295 11.12 -0.34 24.44
CA PRO A 295 10.77 0.42 23.23
C PRO A 295 11.80 0.26 22.14
N LEU A 296 11.38 0.51 20.89
CA LEU A 296 12.30 0.42 19.76
C LEU A 296 13.44 1.43 19.88
N PRO A 297 14.65 1.16 19.31
CA PRO A 297 15.70 2.20 19.31
C PRO A 297 15.15 3.47 18.67
N ALA A 298 15.60 4.66 19.16
CA ALA A 298 15.14 5.97 18.73
C ALA A 298 15.12 6.19 17.23
N LYS A 299 16.21 5.88 16.48
CA LYS A 299 16.22 6.11 15.02
C LYS A 299 15.10 5.32 14.29
N LYS A 300 14.83 4.09 14.72
CA LYS A 300 13.76 3.32 14.05
C LYS A 300 12.39 3.89 14.41
N ALA A 301 12.21 4.25 15.71
CA ALA A 301 10.94 4.83 16.17
C ALA A 301 10.67 6.12 15.41
N GLU A 302 11.73 6.93 15.15
CA GLU A 302 11.54 8.18 14.40
C GLU A 302 11.21 7.92 12.92
N ALA A 303 11.84 6.87 12.32
CA ALA A 303 11.55 6.49 10.94
C ALA A 303 10.05 6.16 10.80
N ILE A 304 9.47 5.41 11.77
CA ILE A 304 8.04 5.06 11.76
C ILE A 304 7.19 6.34 11.78
N LYS A 305 7.60 7.34 12.60
CA LYS A 305 6.81 8.56 12.72
C LYS A 305 6.89 9.43 11.46
N LYS A 306 8.07 9.60 10.90
CA LYS A 306 8.37 10.49 9.76
C LYS A 306 7.82 10.03 8.41
N LEU A 307 7.80 8.70 8.17
CA LEU A 307 7.34 8.17 6.87
C LEU A 307 5.86 8.42 6.68
N GLY A 308 5.43 8.47 5.42
CA GLY A 308 4.02 8.72 5.13
C GLY A 308 3.27 7.40 5.04
N PHE A 309 1.96 7.41 5.39
CA PHE A 309 1.11 6.20 5.22
C PHE A 309 -0.28 6.76 4.91
N GLY A 310 -0.68 6.70 3.65
CA GLY A 310 -1.92 7.32 3.21
C GLY A 310 -3.02 6.34 2.94
N THR A 311 -4.17 6.85 2.54
CA THR A 311 -5.33 6.04 2.30
C THR A 311 -5.73 6.13 0.86
N ASN A 312 -6.02 4.98 0.28
CA ASN A 312 -6.54 4.92 -1.08
C ASN A 312 -7.64 3.89 -0.97
N ASN A 313 -8.85 4.19 -1.49
CA ASN A 313 -9.93 3.23 -1.42
C ASN A 313 -10.59 3.06 -2.77
N LYS A 314 -11.27 1.95 -2.93
CA LYS A 314 -12.04 1.62 -4.15
C LYS A 314 -13.51 1.55 -3.81
N ILE A 315 -14.34 1.98 -4.74
CA ILE A 315 -15.82 1.92 -4.56
C ILE A 315 -16.35 1.19 -5.76
N PHE A 316 -16.97 0.03 -5.56
CA PHE A 316 -17.52 -0.71 -6.70
C PHE A 316 -19.02 -0.47 -6.75
N LEU A 317 -19.52 -0.12 -7.92
CA LEU A 317 -20.97 0.13 -8.10
C LEU A 317 -21.52 -0.88 -9.12
N GLU A 318 -22.64 -1.56 -8.79
CA GLU A 318 -23.24 -2.53 -9.72
C GLU A 318 -24.49 -1.91 -10.33
N PHE A 319 -24.66 -2.02 -11.67
CA PHE A 319 -25.82 -1.49 -12.41
C PHE A 319 -26.60 -2.64 -13.07
N GLU A 320 -27.94 -2.55 -13.12
CA GLU A 320 -28.78 -3.56 -13.79
C GLU A 320 -28.48 -3.59 -15.31
N GLU A 321 -28.22 -2.41 -15.88
CA GLU A 321 -27.87 -2.24 -17.29
C GLU A 321 -26.73 -1.23 -17.42
N PRO A 322 -25.74 -1.45 -18.30
CA PRO A 322 -24.66 -0.46 -18.43
C PRO A 322 -25.14 0.78 -19.18
N PHE A 323 -24.76 1.96 -18.69
CA PHE A 323 -25.09 3.21 -19.35
C PHE A 323 -23.92 3.59 -20.27
N TRP A 324 -22.77 2.91 -20.08
CA TRP A 324 -21.51 3.12 -20.83
C TRP A 324 -21.43 2.25 -22.08
N GLN A 329 -13.12 1.38 -21.00
CA GLN A 329 -12.42 0.79 -19.87
C GLN A 329 -12.28 1.78 -18.71
N PHE A 330 -11.87 3.02 -18.99
CA PHE A 330 -11.68 4.02 -17.95
C PHE A 330 -12.35 5.34 -18.31
N ILE A 331 -13.15 5.82 -17.38
CA ILE A 331 -13.82 7.10 -17.51
C ILE A 331 -13.08 8.04 -16.52
N GLN A 332 -12.31 9.00 -17.05
CA GLN A 332 -11.64 10.05 -16.25
C GLN A 332 -12.71 11.13 -16.03
N VAL A 333 -12.77 11.72 -14.82
CA VAL A 333 -13.75 12.78 -14.56
C VAL A 333 -13.01 14.10 -14.40
N VAL A 334 -13.50 15.18 -14.99
CA VAL A 334 -12.86 16.50 -14.83
C VAL A 334 -13.89 17.37 -14.14
N TRP A 335 -13.50 18.01 -13.04
CA TRP A 335 -14.37 18.89 -12.26
C TRP A 335 -14.19 20.34 -12.68
N GLU A 336 -15.25 20.92 -13.26
CA GLU A 336 -15.26 22.30 -13.76
C GLU A 336 -14.81 23.32 -12.72
N ASP A 337 -14.07 24.35 -13.16
CA ASP A 337 -13.61 25.48 -12.33
C ASP A 337 -12.65 25.10 -11.19
N THR A 338 -11.99 23.93 -11.26
CA THR A 338 -11.04 23.53 -10.22
C THR A 338 -9.64 23.85 -10.71
N SER A 339 -8.71 23.99 -9.79
CA SER A 339 -7.33 24.30 -10.16
C SER A 339 -6.40 23.77 -9.09
N PRO A 340 -5.25 23.22 -9.48
CA PRO A 340 -4.30 22.74 -8.46
C PRO A 340 -3.50 23.87 -7.82
N LEU A 341 -3.55 25.09 -8.40
CA LEU A 341 -2.77 26.22 -7.89
C LEU A 341 -3.35 26.84 -6.61
N GLN A 342 -4.63 26.58 -6.30
CA GLN A 342 -5.30 27.11 -5.11
C GLN A 342 -5.00 26.30 -3.85
N ASP A 343 -4.90 24.98 -4.00
CA ASP A 343 -4.72 24.03 -2.91
C ASP A 343 -3.37 24.08 -2.21
N THR A 344 -3.38 23.88 -0.90
CA THR A 344 -2.20 23.77 -0.06
C THR A 344 -2.15 22.30 0.37
N ALA A 345 -1.07 21.85 1.05
CA ALA A 345 -0.84 20.46 1.47
C ALA A 345 -1.99 19.80 2.17
N LEU A 346 -2.72 20.54 3.02
CA LEU A 346 -3.81 19.90 3.75
C LEU A 346 -5.20 20.40 3.38
N SER A 347 -5.35 21.07 2.24
CA SER A 347 -6.67 21.56 1.82
C SER A 347 -7.54 20.39 1.33
N LEU A 348 -8.85 20.53 1.49
CA LEU A 348 -9.84 19.53 1.06
C LEU A 348 -10.55 20.05 -0.19
N GLN A 349 -11.15 19.14 -0.98
CA GLN A 349 -11.92 19.57 -2.16
C GLN A 349 -13.25 20.11 -1.63
N ASP A 350 -14.03 20.76 -2.49
CA ASP A 350 -15.35 21.33 -2.08
C ASP A 350 -16.31 20.30 -1.58
N THR A 351 -16.28 19.09 -2.15
CA THR A 351 -17.08 17.98 -1.62
C THR A 351 -16.14 16.78 -1.63
N TRP A 352 -16.44 15.73 -0.85
CA TRP A 352 -15.56 14.54 -0.83
C TRP A 352 -15.41 13.88 -2.20
N PHE A 353 -16.51 13.84 -2.99
CA PHE A 353 -16.51 13.12 -4.26
C PHE A 353 -15.74 13.83 -5.36
N LYS A 354 -15.36 15.10 -5.15
CA LYS A 354 -14.53 15.78 -6.13
C LYS A 354 -13.08 15.26 -6.11
N LYS A 355 -12.76 14.37 -5.16
CA LYS A 355 -11.41 13.81 -5.13
C LYS A 355 -11.43 12.52 -5.97
N LEU A 356 -12.63 12.03 -6.38
CA LEU A 356 -12.69 10.81 -7.19
C LEU A 356 -12.04 11.06 -8.56
N ILE A 357 -11.14 10.17 -8.97
CA ILE A 357 -10.40 10.42 -10.22
C ILE A 357 -11.15 9.94 -11.43
N GLY A 358 -12.03 8.99 -11.21
CA GLY A 358 -12.74 8.36 -12.32
C GLY A 358 -13.10 6.93 -12.01
N PHE A 359 -13.59 6.24 -13.04
CA PHE A 359 -14.14 4.89 -12.93
C PHE A 359 -13.57 3.93 -13.91
N LEU A 360 -13.19 2.75 -13.42
CA LEU A 360 -12.70 1.67 -14.25
C LEU A 360 -13.89 0.71 -14.48
N VAL A 361 -14.20 0.40 -15.74
CA VAL A 361 -15.27 -0.53 -16.07
C VAL A 361 -14.68 -1.93 -15.79
N GLN A 362 -15.35 -2.72 -14.96
CA GLN A 362 -14.83 -4.03 -14.57
C GLN A 362 -15.05 -5.10 -15.64
N PRO A 363 -13.98 -5.80 -16.08
CA PRO A 363 -14.15 -6.84 -17.12
C PRO A 363 -14.43 -8.22 -16.54
N HIS A 369 -22.78 -5.66 -14.55
CA HIS A 369 -22.27 -4.36 -15.00
C HIS A 369 -21.72 -3.58 -13.80
N VAL A 370 -20.39 -3.57 -13.68
CA VAL A 370 -19.68 -3.01 -12.50
C VAL A 370 -18.69 -1.91 -12.85
N LEU A 371 -18.72 -0.80 -12.10
CA LEU A 371 -17.77 0.31 -12.22
C LEU A 371 -16.97 0.35 -10.93
N CYS A 372 -15.68 0.69 -11.01
CA CYS A 372 -14.84 0.83 -9.81
C CYS A 372 -14.26 2.26 -9.75
N GLY A 373 -14.65 3.03 -8.72
CA GLY A 373 -14.14 4.39 -8.52
C GLY A 373 -12.95 4.36 -7.58
N PHE A 374 -11.97 5.25 -7.77
CA PHE A 374 -10.79 5.30 -6.89
C PHE A 374 -10.79 6.67 -6.23
N ILE A 375 -10.44 6.70 -4.96
CA ILE A 375 -10.42 7.94 -4.18
C ILE A 375 -9.32 7.83 -3.11
N ALA A 376 -8.49 8.88 -2.98
CA ALA A 376 -7.40 8.84 -2.00
C ALA A 376 -7.45 10.05 -1.08
N GLY A 377 -6.72 9.96 0.01
CA GLY A 377 -6.56 11.08 0.91
C GLY A 377 -7.64 11.24 1.94
N LEU A 378 -7.75 12.46 2.50
CA LEU A 378 -8.69 12.69 3.57
C LEU A 378 -10.11 12.55 3.13
N GLU A 379 -10.37 12.84 1.85
CA GLU A 379 -11.73 12.72 1.29
C GLU A 379 -12.10 11.23 1.27
N SER A 380 -11.12 10.38 0.99
CA SER A 380 -11.31 8.93 0.99
C SER A 380 -11.56 8.42 2.41
N GLU A 381 -10.87 9.00 3.42
CA GLU A 381 -11.10 8.62 4.82
C GLU A 381 -12.51 9.03 5.22
N PHE A 382 -12.98 10.21 4.73
CA PHE A 382 -14.34 10.74 4.99
C PHE A 382 -15.37 9.80 4.40
N MET A 383 -15.14 9.36 3.16
CA MET A 383 -15.98 8.39 2.48
C MET A 383 -16.24 7.16 3.35
N GLU A 384 -15.21 6.62 4.02
CA GLU A 384 -15.36 5.41 4.85
C GLU A 384 -16.35 5.59 5.98
N THR A 385 -16.54 6.83 6.45
CA THR A 385 -17.45 7.13 7.59
C THR A 385 -18.91 7.18 7.11
N LEU A 386 -19.14 7.28 5.80
CA LEU A 386 -20.48 7.34 5.23
C LEU A 386 -21.07 5.97 5.20
N SER A 387 -22.40 5.87 5.23
CA SER A 387 -23.07 4.59 5.11
C SER A 387 -22.96 4.13 3.66
N ASP A 388 -23.18 2.83 3.40
CA ASP A 388 -23.17 2.24 2.05
C ASP A 388 -24.21 2.95 1.14
N GLU A 389 -25.39 3.23 1.70
CA GLU A 389 -26.50 3.90 1.03
C GLU A 389 -26.13 5.31 0.59
N GLU A 390 -25.51 6.10 1.48
CA GLU A 390 -25.07 7.47 1.19
C GLU A 390 -24.05 7.49 0.04
N VAL A 391 -23.13 6.51 0.02
CA VAL A 391 -22.13 6.43 -1.05
C VAL A 391 -22.85 6.09 -2.35
N LEU A 392 -23.68 5.04 -2.34
CA LEU A 392 -24.45 4.64 -3.54
C LEU A 392 -25.27 5.81 -4.12
N LEU A 393 -26.03 6.52 -3.29
CA LEU A 393 -26.89 7.65 -3.72
C LEU A 393 -26.13 8.89 -4.17
N SER A 394 -25.05 9.26 -3.48
CA SER A 394 -24.23 10.40 -3.87
C SER A 394 -23.59 10.16 -5.23
N LEU A 395 -23.03 8.95 -5.44
CA LEU A 395 -22.36 8.64 -6.69
C LEU A 395 -23.36 8.50 -7.85
N THR A 396 -24.59 8.03 -7.58
CA THR A 396 -25.61 7.97 -8.62
C THR A 396 -25.88 9.40 -9.14
N GLN A 397 -26.00 10.36 -8.22
CA GLN A 397 -26.25 11.78 -8.51
C GLN A 397 -25.07 12.38 -9.28
N VAL A 398 -23.84 12.00 -8.88
CA VAL A 398 -22.60 12.44 -9.56
C VAL A 398 -22.61 11.92 -10.99
N LEU A 399 -22.87 10.62 -11.18
CA LEU A 399 -22.87 10.03 -12.51
C LEU A 399 -23.91 10.66 -13.46
N ARG A 400 -25.09 11.00 -12.92
CA ARG A 400 -26.17 11.68 -13.68
C ARG A 400 -25.73 13.09 -14.09
N ARG A 401 -25.00 13.79 -13.22
CA ARG A 401 -24.51 15.14 -13.52
C ARG A 401 -23.37 15.09 -14.56
N VAL A 402 -22.38 14.22 -14.30
CA VAL A 402 -21.15 14.05 -15.07
C VAL A 402 -21.41 13.48 -16.50
N THR A 403 -22.38 12.56 -16.68
CA THR A 403 -22.70 12.03 -18.02
C THR A 403 -23.71 12.94 -18.77
N GLY A 404 -24.34 13.87 -18.05
CA GLY A 404 -25.35 14.78 -18.59
C GLY A 404 -26.69 14.12 -18.82
N ASN A 405 -26.92 12.97 -18.14
CA ASN A 405 -28.13 12.15 -18.26
C ASN A 405 -28.91 12.08 -16.94
N PRO A 406 -29.94 12.95 -16.76
CA PRO A 406 -30.70 12.92 -15.50
C PRO A 406 -31.59 11.69 -15.30
N GLN A 407 -31.82 10.88 -16.35
CA GLN A 407 -32.66 9.69 -16.26
C GLN A 407 -31.85 8.39 -16.03
N LEU A 408 -30.51 8.50 -15.89
CA LEU A 408 -29.59 7.41 -15.61
C LEU A 408 -30.11 6.58 -14.43
N PRO A 409 -30.34 5.25 -14.57
CA PRO A 409 -30.86 4.48 -13.44
C PRO A 409 -29.84 4.37 -12.32
N ALA A 410 -30.30 4.38 -11.04
CA ALA A 410 -29.43 4.28 -9.87
C ALA A 410 -28.69 2.94 -9.81
N ALA A 411 -27.50 2.95 -9.18
CA ALA A 411 -26.73 1.73 -8.98
C ALA A 411 -27.54 0.80 -8.07
N LYS A 412 -27.53 -0.48 -8.37
CA LYS A 412 -28.25 -1.53 -7.64
C LYS A 412 -27.56 -1.82 -6.31
N SER A 413 -26.21 -1.89 -6.33
CA SER A 413 -25.46 -2.20 -5.13
C SER A 413 -24.09 -1.54 -5.09
N VAL A 414 -23.48 -1.56 -3.89
CA VAL A 414 -22.16 -0.98 -3.65
C VAL A 414 -21.31 -1.88 -2.77
N ARG A 415 -20.00 -1.88 -3.01
CA ARG A 415 -19.02 -2.57 -2.18
C ARG A 415 -17.83 -1.65 -2.16
N ARG A 416 -17.39 -1.25 -1.00
CA ARG A 416 -16.24 -0.35 -0.95
C ARG A 416 -15.19 -0.82 0.02
N SER A 417 -13.92 -0.42 -0.19
CA SER A 417 -12.93 -0.80 0.80
C SER A 417 -12.96 0.28 1.91
N GLN A 418 -12.40 -0.07 3.06
CA GLN A 418 -12.33 0.86 4.18
C GLN A 418 -10.96 0.64 4.85
N TRP A 419 -9.88 0.97 4.15
CA TRP A 419 -8.52 0.67 4.63
C TRP A 419 -8.11 1.48 5.86
N HIS A 420 -8.50 2.74 5.91
CA HIS A 420 -8.13 3.57 7.04
C HIS A 420 -8.78 3.04 8.32
N SER A 421 -10.03 2.54 8.23
CA SER A 421 -10.81 2.00 9.37
C SER A 421 -10.37 0.61 9.82
N ALA A 422 -9.59 -0.11 8.99
CA ALA A 422 -9.11 -1.46 9.28
C ALA A 422 -8.16 -1.39 10.44
N PRO A 423 -8.53 -1.94 11.63
CA PRO A 423 -7.67 -1.74 12.81
C PRO A 423 -6.26 -2.29 12.70
N TYR A 424 -6.08 -3.31 11.86
CA TYR A 424 -4.74 -3.90 11.74
C TYR A 424 -3.96 -3.34 10.54
N THR A 425 -4.49 -2.33 9.85
CA THR A 425 -3.76 -1.72 8.72
C THR A 425 -3.65 -0.21 8.91
N ARG A 426 -4.83 0.45 9.10
CA ARG A 426 -4.90 1.91 9.32
C ARG A 426 -4.39 2.73 8.13
N GLY A 427 -4.69 2.25 6.92
CA GLY A 427 -4.36 2.98 5.70
C GLY A 427 -4.04 2.05 4.55
N SER A 428 -3.52 2.57 3.43
CA SER A 428 -3.28 1.73 2.26
C SER A 428 -1.81 1.41 2.03
N TYR A 429 -0.93 2.42 1.91
CA TYR A 429 0.50 2.11 1.69
C TYR A 429 1.36 3.30 1.98
N SER A 430 2.64 3.03 2.11
CA SER A 430 3.63 4.05 2.49
C SER A 430 4.08 4.95 1.33
N TYR A 431 4.58 6.13 1.71
CA TYR A 431 5.26 7.03 0.80
C TYR A 431 6.33 7.76 1.59
N VAL A 432 7.32 8.30 0.89
CA VAL A 432 8.38 9.01 1.59
C VAL A 432 7.87 10.46 1.75
N ALA A 433 7.42 10.78 2.95
CA ALA A 433 6.82 12.09 3.25
C ALA A 433 7.84 13.18 3.41
N VAL A 434 7.42 14.44 3.25
CA VAL A 434 8.29 15.60 3.50
C VAL A 434 8.80 15.42 4.93
N GLY A 435 10.11 15.52 5.11
CA GLY A 435 10.73 15.33 6.42
C GLY A 435 11.37 13.96 6.62
N SER A 436 11.12 13.02 5.69
CA SER A 436 11.71 11.69 5.68
C SER A 436 12.48 11.48 4.35
N THR A 437 13.36 10.45 4.28
CA THR A 437 14.13 10.13 3.09
C THR A 437 14.06 8.64 2.86
N GLY A 438 14.65 8.19 1.75
CA GLY A 438 14.78 6.75 1.45
C GLY A 438 15.61 6.07 2.55
N ASP A 439 16.46 6.84 3.28
CA ASP A 439 17.21 6.28 4.42
C ASP A 439 16.27 5.79 5.51
N ASP A 440 15.09 6.40 5.66
CA ASP A 440 14.11 5.98 6.65
C ASP A 440 13.53 4.61 6.32
N LEU A 441 13.43 4.27 5.02
CA LEU A 441 13.00 2.92 4.60
C LEU A 441 14.07 1.88 4.97
N ASP A 442 15.36 2.26 4.87
CA ASP A 442 16.44 1.37 5.30
C ASP A 442 16.41 1.18 6.81
N LEU A 443 16.09 2.25 7.54
CA LEU A 443 15.97 2.13 9.01
C LEU A 443 14.81 1.22 9.37
N MET A 444 13.71 1.25 8.57
CA MET A 444 12.56 0.36 8.87
C MET A 444 12.99 -1.10 8.74
N ALA A 445 13.90 -1.38 7.79
CA ALA A 445 14.38 -2.75 7.54
C ALA A 445 15.42 -3.24 8.52
N GLN A 446 16.07 -2.32 9.24
CA GLN A 446 17.20 -2.62 10.11
C GLN A 446 16.80 -3.62 11.21
N PRO A 447 17.47 -4.78 11.37
CA PRO A 447 17.03 -5.71 12.43
C PRO A 447 17.44 -5.26 13.82
N LEU A 448 16.79 -5.86 14.86
CA LEU A 448 17.24 -5.57 16.22
C LEU A 448 18.42 -6.52 16.53
N PRO A 449 19.25 -6.21 17.55
CA PRO A 449 20.44 -7.06 17.85
C PRO A 449 20.20 -8.55 17.93
N GLY A 450 21.11 -9.35 17.35
CA GLY A 450 21.05 -10.81 17.31
C GLY A 450 19.97 -11.34 16.39
N LEU A 451 19.36 -10.45 15.59
CA LEU A 451 18.22 -10.75 14.72
C LEU A 451 17.08 -11.29 15.60
N GLN A 452 16.94 -10.77 16.83
CA GLN A 452 15.84 -11.21 17.71
C GLN A 452 14.54 -10.77 17.07
N VAL A 453 14.54 -9.56 16.49
CA VAL A 453 13.36 -9.02 15.81
C VAL A 453 13.82 -8.54 14.42
N LEU A 454 13.14 -9.03 13.37
CA LEU A 454 13.41 -8.64 11.97
C LEU A 454 12.19 -7.93 11.43
N PHE A 455 12.35 -7.09 10.40
CA PHE A 455 11.22 -6.33 9.88
C PHE A 455 11.11 -6.55 8.41
N ALA A 456 9.90 -6.89 7.94
CA ALA A 456 9.65 -7.02 6.51
C ALA A 456 8.31 -6.33 6.22
N GLY A 457 7.96 -6.22 4.94
CA GLY A 457 6.75 -5.48 4.60
C GLY A 457 7.07 -4.42 3.55
N GLU A 458 6.02 -3.96 2.85
CA GLU A 458 6.20 -3.01 1.77
C GLU A 458 6.95 -1.74 2.24
N ALA A 459 6.74 -1.29 3.51
CA ALA A 459 7.39 -0.03 3.97
C ALA A 459 8.83 -0.25 4.47
N THR A 460 9.45 -1.40 4.10
CA THR A 460 10.84 -1.72 4.45
C THR A 460 11.68 -1.85 3.18
N HIS A 461 11.08 -1.61 2.00
CA HIS A 461 11.80 -1.74 0.72
C HIS A 461 12.06 -0.36 0.15
N ARG A 462 13.32 0.04 0.03
CA ARG A 462 13.66 1.38 -0.41
C ARG A 462 13.25 1.74 -1.86
N THR A 463 13.20 0.76 -2.78
CA THR A 463 12.90 1.10 -4.17
C THR A 463 11.59 0.52 -4.70
N PHE A 464 10.98 -0.44 -3.97
CA PHE A 464 9.71 -1.07 -4.38
C PHE A 464 8.65 -0.98 -3.26
N TYR A 465 8.76 0.03 -2.40
CA TYR A 465 7.74 0.24 -1.38
C TYR A 465 6.38 0.47 -2.05
N SER A 466 5.28 0.21 -1.32
CA SER A 466 3.89 0.39 -1.81
C SER A 466 3.52 -0.58 -2.93
N THR A 467 4.22 -1.74 -3.04
CA THR A 467 3.85 -2.74 -4.07
C THR A 467 3.84 -4.14 -3.46
N THR A 468 3.23 -5.10 -4.17
CA THR A 468 3.24 -6.48 -3.68
C THR A 468 4.64 -7.08 -3.87
N HIS A 469 5.32 -6.71 -4.98
CA HIS A 469 6.65 -7.27 -5.21
C HIS A 469 7.69 -6.75 -4.20
N GLY A 470 7.60 -5.48 -3.77
CA GLY A 470 8.49 -4.98 -2.72
C GLY A 470 8.22 -5.72 -1.41
N ALA A 471 6.94 -5.98 -1.09
CA ALA A 471 6.60 -6.70 0.15
C ALA A 471 7.17 -8.16 0.05
N LEU A 472 6.95 -8.81 -1.10
CA LEU A 472 7.45 -10.19 -1.23
C LEU A 472 8.99 -10.24 -1.09
N LEU A 473 9.67 -9.38 -1.82
CA LEU A 473 11.13 -9.36 -1.77
C LEU A 473 11.63 -9.11 -0.36
N SER A 474 10.93 -8.24 0.40
CA SER A 474 11.36 -7.93 1.78
C SER A 474 11.26 -9.19 2.65
N GLY A 475 10.24 -10.00 2.44
CA GLY A 475 10.10 -11.26 3.19
C GLY A 475 11.25 -12.21 2.88
N TRP A 476 11.60 -12.35 1.61
CA TRP A 476 12.73 -13.22 1.20
C TRP A 476 14.06 -12.70 1.78
N ARG A 477 14.22 -11.37 1.83
CA ARG A 477 15.40 -10.73 2.40
C ARG A 477 15.53 -11.14 3.88
N GLU A 478 14.44 -11.08 4.67
CA GLU A 478 14.52 -11.46 6.09
C GLU A 478 14.80 -12.94 6.27
N ALA A 479 14.21 -13.79 5.42
CA ALA A 479 14.49 -15.22 5.49
C ALA A 479 15.99 -15.48 5.20
N ASP A 480 16.55 -14.83 4.17
CA ASP A 480 17.96 -15.00 3.81
C ASP A 480 18.86 -14.55 4.97
N ARG A 481 18.52 -13.42 5.62
CA ARG A 481 19.28 -12.90 6.78
C ARG A 481 19.31 -14.00 7.92
N LEU A 482 18.16 -14.63 8.22
CA LEU A 482 18.14 -15.68 9.27
C LEU A 482 18.89 -16.87 8.88
N VAL A 483 18.72 -17.34 7.63
CA VAL A 483 19.46 -18.55 7.21
C VAL A 483 20.97 -18.34 7.36
N SER A 484 21.46 -17.14 6.98
CA SER A 484 22.91 -16.88 7.13
C SER A 484 23.31 -16.93 8.61
N LEU A 485 22.47 -16.39 9.50
CA LEU A 485 22.79 -16.46 10.94
C LEU A 485 22.87 -17.91 11.38
N TRP A 486 21.89 -18.71 11.00
CA TRP A 486 21.89 -20.13 11.41
C TRP A 486 23.10 -20.90 10.90
N ASP A 487 23.48 -20.65 9.67
CA ASP A 487 24.65 -21.28 9.03
C ASP A 487 25.97 -20.81 9.69
N SER A 488 25.95 -19.64 10.37
CA SER A 488 27.14 -19.08 11.00
C SER A 488 27.37 -19.62 12.40
N GLN A 489 26.33 -20.21 13.01
CA GLN A 489 26.41 -20.62 14.41
C GLN A 489 27.53 -21.66 14.65
N VAL A 490 27.77 -22.55 13.70
CA VAL A 490 28.88 -23.53 13.82
C VAL A 490 30.28 -22.84 13.94
N GLU A 491 30.44 -21.68 13.30
CA GLU A 491 31.70 -20.94 13.31
C GLU A 491 32.09 -20.40 14.69
N GLN A 492 31.10 -20.15 15.60
CA GLN A 492 31.33 -19.72 16.98
C GLN A 492 32.11 -20.79 17.77
N SER A 493 31.95 -22.07 17.39
CA SER A 493 32.59 -23.18 18.07
C SER A 493 33.89 -23.59 17.41
N ARG A 494 34.34 -22.87 16.36
CA ARG A 494 35.57 -23.22 15.65
C ARG A 494 36.82 -22.56 16.25
N PRO A 495 37.73 -23.33 16.91
CA PRO A 495 38.94 -22.70 17.45
C PRO A 495 39.92 -22.31 16.33
N ARG A 496 40.78 -21.32 16.57
CA ARG A 496 41.75 -20.83 15.58
C ARG A 496 42.98 -21.75 15.51
N LEU A 497 43.35 -22.34 16.67
CA LEU A 497 44.50 -23.24 16.79
C LEU A 497 44.08 -24.63 17.27
#